data_7LSZ
#
_entry.id   7LSZ
#
_cell.length_a   66.761
_cell.length_b   89.983
_cell.length_c   98.303
_cell.angle_alpha   90.000
_cell.angle_beta   90.000
_cell.angle_gamma   90.000
#
_symmetry.space_group_name_H-M   'I 2 2 2'
#
loop_
_entity.id
_entity.type
_entity.pdbx_description
1 polymer 'Heat shock protein HSP 90-alpha'
2 non-polymer {3-[(2,3-dihydro-1,4-benzodioxin-6-yl)sulfanyl]-4-hydroxyphenyl}(1,3-dihydro-2H-isoindol-2-yl)methanone
3 water water
#
_entity_poly.entity_id   1
_entity_poly.type   'polypeptide(L)'
_entity_poly.pdbx_seq_one_letter_code
;MPEETQTQDQPMEEEEVETFAFQAEIAQLMSLIINTFYSNKEIFLRELISNSSDALDKIRYESLTDPSKLDSGKELHINL
IPNKQDRTLTIVDTGIGMTKADLINNLGTIAKSGTKAFMEALQAGADISMIGQFGVGFYSAYLVAEKVTVITKHNDDEQY
AWESSAGGSFTVRTDTGEPMGRGTKVILHLKEDQTEYLEERRIKEIVKKHSQFIGYPITLFVEKERDKEVSDDEAEEKED
KEEEKEKEEKESEDKPEIEDVGSDEEEEKKDGDKKKKKKIKEKYIDQEELNKT
;
_entity_poly.pdbx_strand_id   A
#
loop_
_chem_comp.id
_chem_comp.type
_chem_comp.name
_chem_comp.formula
ONG non-polymer {3-[(2,3-dihydro-1,4-benzodioxin-6-yl)sulfanyl]-4-hydroxyphenyl}(1,3-dihydro-2H-isoindol-2-yl)methanone 'C23 H19 N O4 S'
#
# COMPACT_ATOMS: atom_id res chain seq x y z
N GLU A 16 -12.81 -10.45 16.58
CA GLU A 16 -11.65 -10.39 17.46
C GLU A 16 -10.54 -9.56 16.83
N VAL A 17 -10.24 -8.43 17.44
CA VAL A 17 -9.29 -7.45 16.90
C VAL A 17 -8.05 -7.46 17.77
N GLU A 18 -6.89 -7.62 17.14
CA GLU A 18 -5.61 -7.52 17.83
C GLU A 18 -4.97 -6.17 17.52
N THR A 19 -4.42 -5.53 18.56
CA THR A 19 -3.78 -4.22 18.42
C THR A 19 -2.28 -4.38 18.70
N PHE A 20 -1.46 -3.82 17.83
CA PHE A 20 -0.02 -3.95 17.87
C PHE A 20 0.62 -2.57 17.91
N ALA A 21 1.80 -2.49 18.51
CA ALA A 21 2.60 -1.26 18.44
C ALA A 21 3.55 -1.35 17.25
N PHE A 22 3.62 -0.27 16.46
CA PHE A 22 4.68 -0.15 15.48
C PHE A 22 6.05 -0.22 16.17
N GLN A 23 7.04 -0.76 15.45
CA GLN A 23 8.40 -0.57 15.88
C GLN A 23 8.70 0.93 15.98
N ALA A 24 9.54 1.28 16.96
CA ALA A 24 9.80 2.70 17.24
C ALA A 24 10.24 3.46 15.99
N GLU A 25 11.11 2.85 15.18
CA GLU A 25 11.61 3.51 13.97
C GLU A 25 10.50 3.76 12.97
N ILE A 26 9.54 2.84 12.88
CA ILE A 26 8.42 3.01 11.94
C ILE A 26 7.47 4.10 12.43
N ALA A 27 7.20 4.12 13.74
CA ALA A 27 6.39 5.20 14.30
C ALA A 27 7.05 6.54 14.04
N GLN A 28 8.38 6.62 14.18
CA GLN A 28 9.07 7.87 13.90
C GLN A 28 8.95 8.24 12.43
N LEU A 29 9.07 7.24 11.54
CA LEU A 29 8.91 7.51 10.12
C LEU A 29 7.52 8.03 9.80
N MET A 30 6.47 7.41 10.37
CA MET A 30 5.13 7.88 10.07
C MET A 30 4.90 9.28 10.60
N SER A 31 5.46 9.59 11.78
CA SER A 31 5.33 10.95 12.29
C SER A 31 6.02 11.95 11.38
N LEU A 32 7.18 11.58 10.83
CA LEU A 32 7.86 12.49 9.91
C LEU A 32 7.03 12.70 8.65
N ILE A 33 6.41 11.63 8.14
CA ILE A 33 5.62 11.76 6.92
C ILE A 33 4.38 12.62 7.17
N ILE A 34 3.80 12.51 8.36
CA ILE A 34 2.61 13.29 8.68
C ILE A 34 2.94 14.74 9.00
N ASN A 35 4.08 15.00 9.65
CA ASN A 35 4.34 16.34 10.15
C ASN A 35 5.19 17.20 9.23
N THR A 36 6.00 16.61 8.36
CA THR A 36 6.94 17.40 7.56
C THR A 36 6.18 18.17 6.48
N PHE A 37 6.53 19.44 6.29
CA PHE A 37 5.94 20.18 5.17
C PHE A 37 6.55 19.68 3.86
N TYR A 38 5.70 19.20 2.95
CA TYR A 38 6.17 18.60 1.71
C TYR A 38 5.01 18.59 0.73
N SER A 39 5.07 19.43 -0.30
CA SER A 39 3.91 19.62 -1.16
C SER A 39 3.71 18.52 -2.18
N ASN A 40 4.76 17.79 -2.56
CA ASN A 40 4.71 16.80 -3.64
C ASN A 40 4.12 15.47 -3.14
N LYS A 41 2.89 15.55 -2.62
CA LYS A 41 2.25 14.39 -2.01
C LYS A 41 1.85 13.30 -3.02
N GLU A 42 1.71 13.65 -4.30
CA GLU A 42 1.18 12.70 -5.28
C GLU A 42 2.03 11.44 -5.43
N ILE A 43 3.27 11.45 -4.91
CA ILE A 43 4.15 10.30 -5.07
C ILE A 43 3.62 9.05 -4.37
N PHE A 44 2.66 9.19 -3.44
CA PHE A 44 2.12 8.01 -2.77
C PHE A 44 1.61 7.00 -3.78
N LEU A 45 0.99 7.47 -4.88
CA LEU A 45 0.32 6.52 -5.77
C LEU A 45 1.33 5.66 -6.52
N ARG A 46 2.42 6.27 -7.00
CA ARG A 46 3.49 5.49 -7.62
C ARG A 46 4.03 4.43 -6.67
N GLU A 47 4.14 4.76 -5.37
CA GLU A 47 4.73 3.79 -4.45
C GLU A 47 3.80 2.60 -4.25
N LEU A 48 2.49 2.84 -4.17
CA LEU A 48 1.56 1.75 -3.98
C LEU A 48 1.40 0.93 -5.25
N ILE A 49 1.38 1.58 -6.42
CA ILE A 49 1.29 0.82 -7.67
C ILE A 49 2.54 -0.04 -7.85
N SER A 50 3.71 0.50 -7.47
CA SER A 50 4.94 -0.28 -7.52
C SER A 50 4.87 -1.50 -6.62
N ASN A 51 4.36 -1.34 -5.39
CA ASN A 51 4.18 -2.49 -4.52
C ASN A 51 3.22 -3.51 -5.13
N SER A 52 2.14 -3.06 -5.76
CA SER A 52 1.26 -4.00 -6.45
C SER A 52 2.00 -4.74 -7.53
N SER A 53 2.75 -4.01 -8.36
CA SER A 53 3.48 -4.62 -9.46
C SER A 53 4.47 -5.67 -8.95
N ASP A 54 5.16 -5.38 -7.85
CA ASP A 54 6.07 -6.37 -7.27
C ASP A 54 5.31 -7.60 -6.79
N ALA A 55 4.14 -7.40 -6.16
CA ALA A 55 3.34 -8.51 -5.67
C ALA A 55 2.84 -9.37 -6.82
N LEU A 56 2.45 -8.72 -7.91
CA LEU A 56 2.03 -9.47 -9.10
C LEU A 56 3.19 -10.21 -9.74
N ASP A 57 4.36 -9.56 -9.83
CA ASP A 57 5.55 -10.26 -10.32
C ASP A 57 5.78 -11.55 -9.56
N LYS A 58 5.61 -11.52 -8.24
CA LYS A 58 6.00 -12.67 -7.43
C LYS A 58 5.01 -13.82 -7.59
N ILE A 59 3.71 -13.56 -7.65
CA ILE A 59 2.79 -14.67 -7.86
C ILE A 59 2.98 -15.26 -9.25
N ARG A 60 3.23 -14.42 -10.26
CA ARG A 60 3.50 -14.95 -11.60
C ARG A 60 4.75 -15.82 -11.60
N TYR A 61 5.82 -15.36 -10.94
CA TYR A 61 7.06 -16.12 -10.88
C TYR A 61 6.85 -17.46 -10.17
N GLU A 62 6.15 -17.45 -9.04
CA GLU A 62 5.96 -18.68 -8.30
C GLU A 62 5.04 -19.64 -9.05
N SER A 63 4.09 -19.11 -9.82
CA SER A 63 3.18 -19.98 -10.56
C SER A 63 3.90 -20.78 -11.64
N LEU A 64 5.12 -20.38 -12.02
CA LEU A 64 5.83 -21.13 -13.06
C LEU A 64 6.29 -22.50 -12.55
N THR A 65 6.60 -22.61 -11.26
CA THR A 65 6.97 -23.91 -10.71
C THR A 65 5.84 -24.57 -9.94
N ASP A 66 4.78 -23.84 -9.61
CA ASP A 66 3.59 -24.41 -8.99
C ASP A 66 2.37 -23.70 -9.58
N PRO A 67 1.88 -24.21 -10.73
CA PRO A 67 0.72 -23.55 -11.37
C PRO A 67 -0.53 -23.49 -10.50
N SER A 68 -0.67 -24.37 -9.50
CA SER A 68 -1.86 -24.35 -8.66
C SER A 68 -1.95 -23.07 -7.84
N LYS A 69 -0.87 -22.27 -7.77
CA LYS A 69 -0.94 -21.02 -7.03
C LYS A 69 -1.86 -20.00 -7.70
N LEU A 70 -2.25 -20.23 -8.95
CA LEU A 70 -3.20 -19.37 -9.64
C LEU A 70 -4.62 -19.90 -9.59
N ASP A 71 -4.85 -21.00 -8.87
CA ASP A 71 -6.22 -21.49 -8.68
C ASP A 71 -7.09 -20.45 -8.00
N SER A 72 -6.48 -19.55 -7.23
CA SER A 72 -7.19 -18.45 -6.58
C SER A 72 -7.39 -17.26 -7.52
N GLY A 73 -7.03 -17.39 -8.79
CA GLY A 73 -7.24 -16.32 -9.75
C GLY A 73 -6.11 -16.21 -10.75
N LYS A 74 -6.41 -16.37 -12.03
CA LYS A 74 -5.38 -16.29 -13.06
C LYS A 74 -5.11 -14.88 -13.54
N GLU A 75 -6.04 -13.95 -13.35
CA GLU A 75 -5.89 -12.63 -13.94
C GLU A 75 -5.02 -11.74 -13.06
N LEU A 76 -4.03 -11.08 -13.67
CA LEU A 76 -3.05 -10.28 -12.95
C LEU A 76 -3.21 -8.82 -13.36
N HIS A 77 -3.77 -8.00 -12.46
CA HIS A 77 -4.12 -6.64 -12.81
C HIS A 77 -4.12 -5.75 -11.59
N ILE A 78 -4.25 -4.43 -11.84
CA ILE A 78 -4.33 -3.40 -10.82
C ILE A 78 -5.55 -2.52 -11.13
N ASN A 79 -6.43 -2.33 -10.14
CA ASN A 79 -7.59 -1.46 -10.26
C ASN A 79 -7.45 -0.27 -9.32
N LEU A 80 -7.75 0.93 -9.83
CA LEU A 80 -7.81 2.15 -9.02
C LEU A 80 -9.27 2.57 -8.88
N ILE A 81 -9.75 2.65 -7.65
CA ILE A 81 -11.19 2.82 -7.45
C ILE A 81 -11.46 4.01 -6.53
N PRO A 82 -11.84 5.16 -7.07
CA PRO A 82 -12.21 6.29 -6.22
C PRO A 82 -13.67 6.20 -5.78
N ASN A 83 -13.94 6.71 -4.60
CA ASN A 83 -15.31 6.75 -4.10
C ASN A 83 -15.48 8.06 -3.36
N LYS A 84 -16.11 9.04 -4.01
CA LYS A 84 -16.24 10.37 -3.42
C LYS A 84 -17.13 10.36 -2.17
N GLN A 85 -18.16 9.52 -2.15
CA GLN A 85 -19.06 9.48 -1.01
C GLN A 85 -18.35 8.99 0.24
N ASP A 86 -17.50 7.98 0.12
CA ASP A 86 -16.73 7.46 1.23
C ASP A 86 -15.41 8.19 1.42
N ARG A 87 -15.05 9.08 0.49
CA ARG A 87 -13.74 9.75 0.48
C ARG A 87 -12.60 8.75 0.58
N THR A 88 -12.68 7.70 -0.24
CA THR A 88 -11.63 6.68 -0.29
C THR A 88 -11.10 6.55 -1.70
N LEU A 89 -9.80 6.32 -1.81
CA LEU A 89 -9.17 5.82 -3.02
C LEU A 89 -8.66 4.43 -2.70
N THR A 90 -9.12 3.43 -3.46
CA THR A 90 -8.73 2.05 -3.22
C THR A 90 -7.88 1.55 -4.37
N ILE A 91 -6.76 0.91 -4.05
CA ILE A 91 -5.90 0.28 -5.05
C ILE A 91 -5.98 -1.22 -4.83
N VAL A 92 -6.46 -1.95 -5.83
CA VAL A 92 -6.66 -3.40 -5.72
C VAL A 92 -5.74 -4.10 -6.70
N ASP A 93 -5.03 -5.12 -6.22
CA ASP A 93 -4.26 -5.96 -7.12
C ASP A 93 -4.55 -7.43 -6.84
N THR A 94 -4.19 -8.28 -7.80
CA THR A 94 -4.33 -9.72 -7.63
C THR A 94 -2.96 -10.39 -7.48
N GLY A 95 -2.04 -9.71 -6.80
CA GLY A 95 -0.72 -10.25 -6.54
C GLY A 95 -0.73 -11.31 -5.47
N ILE A 96 0.46 -11.58 -4.93
CA ILE A 96 0.66 -12.74 -4.06
C ILE A 96 0.00 -12.55 -2.69
N GLY A 97 -0.31 -11.32 -2.31
CA GLY A 97 -0.91 -11.08 -1.00
C GLY A 97 0.10 -11.17 0.12
N MET A 98 -0.40 -10.97 1.35
CA MET A 98 0.44 -10.97 2.54
C MET A 98 -0.12 -11.91 3.59
N THR A 99 0.78 -12.63 4.26
CA THR A 99 0.41 -13.50 5.37
C THR A 99 0.22 -12.69 6.64
N LYS A 100 -0.39 -13.30 7.66
CA LYS A 100 -0.47 -12.65 8.95
C LYS A 100 0.91 -12.28 9.46
N ALA A 101 1.89 -13.17 9.27
CA ALA A 101 3.25 -12.89 9.73
C ALA A 101 3.85 -11.69 9.01
N ASP A 102 3.60 -11.58 7.69
CA ASP A 102 3.97 -10.37 6.96
C ASP A 102 3.41 -9.13 7.66
N LEU A 103 2.12 -9.15 7.98
CA LEU A 103 1.48 -7.96 8.55
C LEU A 103 1.95 -7.69 9.98
N ILE A 104 2.09 -8.75 10.79
CA ILE A 104 2.20 -8.59 12.24
C ILE A 104 3.63 -8.25 12.65
N ASN A 105 4.60 -8.96 12.10
CA ASN A 105 5.98 -8.87 12.59
C ASN A 105 7.00 -8.67 11.49
N ASN A 106 6.87 -9.39 10.37
CA ASN A 106 8.03 -9.58 9.50
C ASN A 106 8.29 -8.38 8.61
N LEU A 107 7.24 -7.68 8.15
CA LEU A 107 7.50 -6.54 7.28
C LEU A 107 8.05 -5.36 8.08
N GLY A 108 7.56 -5.18 9.31
CA GLY A 108 8.12 -4.15 10.17
C GLY A 108 9.58 -4.40 10.49
N THR A 109 9.96 -5.67 10.70
CA THR A 109 11.37 -6.02 10.91
C THR A 109 12.22 -5.58 9.73
N ILE A 110 11.82 -5.94 8.51
CA ILE A 110 12.56 -5.52 7.32
C ILE A 110 12.59 -4.00 7.23
N ALA A 111 11.49 -3.34 7.57
CA ALA A 111 11.41 -1.90 7.36
C ALA A 111 12.29 -1.10 8.32
N LYS A 112 12.78 -1.69 9.41
CA LYS A 112 13.60 -0.95 10.35
C LYS A 112 14.91 -0.49 9.72
N SER A 113 15.56 -1.35 8.94
CA SER A 113 16.81 -0.99 8.30
C SER A 113 16.61 0.11 7.27
N GLY A 114 15.63 -0.07 6.39
CA GLY A 114 15.35 0.94 5.39
C GLY A 114 14.89 2.26 5.97
N THR A 115 14.15 2.21 7.09
CA THR A 115 13.70 3.44 7.73
C THR A 115 14.88 4.25 8.24
N LYS A 116 15.79 3.62 8.97
CA LYS A 116 16.96 4.35 9.46
C LYS A 116 17.75 4.95 8.30
N ALA A 117 17.95 4.16 7.23
CA ALA A 117 18.71 4.67 6.09
C ALA A 117 18.01 5.87 5.46
N PHE A 118 16.68 5.81 5.36
CA PHE A 118 15.90 6.89 4.77
C PHE A 118 15.95 8.14 5.64
N MET A 119 15.80 7.97 6.96
CA MET A 119 15.99 9.05 7.91
C MET A 119 17.33 9.73 7.71
N GLU A 120 18.39 8.93 7.66
CA GLU A 120 19.73 9.50 7.54
C GLU A 120 19.92 10.21 6.21
N ALA A 121 19.33 9.65 5.15
CA ALA A 121 19.43 10.28 3.84
C ALA A 121 18.70 11.61 3.82
N LEU A 122 17.53 11.68 4.45
CA LEU A 122 16.81 12.94 4.55
C LEU A 122 17.63 14.00 5.27
N GLN A 123 18.34 13.62 6.33
CA GLN A 123 19.21 14.57 7.00
C GLN A 123 20.38 14.98 6.12
N ALA A 124 20.80 14.10 5.21
CA ALA A 124 21.88 14.37 4.28
C ALA A 124 21.43 15.13 3.04
N GLY A 125 20.16 15.51 2.96
CA GLY A 125 19.67 16.28 1.84
C GLY A 125 18.76 15.53 0.89
N ALA A 126 18.39 14.30 1.19
CA ALA A 126 17.47 13.59 0.33
C ALA A 126 16.07 14.15 0.47
N ASP A 127 15.21 13.71 -0.44
CA ASP A 127 13.84 14.17 -0.61
C ASP A 127 12.88 13.02 -0.28
N ILE A 128 11.69 13.38 0.22
CA ILE A 128 10.73 12.35 0.62
C ILE A 128 10.32 11.49 -0.57
N SER A 129 10.40 12.03 -1.79
CA SER A 129 10.04 11.22 -2.96
C SER A 129 10.99 10.04 -3.18
N MET A 130 12.14 10.00 -2.51
CA MET A 130 13.07 8.89 -2.66
C MET A 130 12.74 7.72 -1.77
N ILE A 131 11.59 7.78 -1.07
CA ILE A 131 11.26 6.83 -0.02
C ILE A 131 11.27 5.39 -0.52
N GLY A 132 10.89 5.16 -1.78
CA GLY A 132 10.82 3.81 -2.30
C GLY A 132 12.17 3.14 -2.46
N GLN A 133 13.25 3.91 -2.59
CA GLN A 133 14.57 3.31 -2.66
C GLN A 133 14.99 2.67 -1.35
N PHE A 134 14.25 2.91 -0.27
CA PHE A 134 14.56 2.34 1.03
C PHE A 134 13.54 1.29 1.45
N GLY A 135 12.64 0.90 0.55
CA GLY A 135 11.75 -0.21 0.79
C GLY A 135 10.58 0.10 1.69
N VAL A 136 10.31 1.37 1.96
CA VAL A 136 9.25 1.71 2.90
C VAL A 136 8.27 2.69 2.26
N GLY A 137 8.12 2.59 0.93
CA GLY A 137 7.21 3.49 0.23
C GLY A 137 5.77 3.41 0.67
N PHE A 138 5.33 2.25 1.18
CA PHE A 138 3.97 2.11 1.69
C PHE A 138 3.60 3.26 2.61
N TYR A 139 4.53 3.67 3.48
CA TYR A 139 4.15 4.65 4.48
C TYR A 139 3.92 6.03 3.88
N SER A 140 4.31 6.26 2.62
CA SER A 140 3.94 7.52 1.98
C SER A 140 2.42 7.66 1.83
N ALA A 141 1.67 6.58 2.06
CA ALA A 141 0.22 6.68 2.04
C ALA A 141 -0.28 7.73 3.02
N TYR A 142 0.45 7.95 4.11
CA TYR A 142 0.04 8.89 5.14
C TYR A 142 0.31 10.34 4.73
N LEU A 143 0.90 10.58 3.55
CA LEU A 143 0.89 11.93 3.00
C LEU A 143 -0.51 12.40 2.67
N VAL A 144 -1.41 11.49 2.31
CA VAL A 144 -2.75 11.86 1.86
C VAL A 144 -3.88 11.22 2.67
N ALA A 145 -3.62 10.14 3.42
CA ALA A 145 -4.67 9.41 4.11
C ALA A 145 -4.60 9.62 5.62
N GLU A 146 -5.76 9.87 6.24
CA GLU A 146 -5.82 9.91 7.70
C GLU A 146 -5.89 8.51 8.30
N LYS A 147 -6.35 7.52 7.53
CA LYS A 147 -6.44 6.14 7.95
C LYS A 147 -6.21 5.28 6.72
N VAL A 148 -5.43 4.22 6.89
CA VAL A 148 -5.18 3.27 5.80
C VAL A 148 -5.69 1.91 6.24
N THR A 149 -6.52 1.29 5.40
CA THR A 149 -7.03 -0.06 5.65
C THR A 149 -6.47 -0.96 4.55
N VAL A 150 -5.85 -2.07 4.94
CA VAL A 150 -5.27 -3.01 3.98
C VAL A 150 -5.96 -4.34 4.14
N ILE A 151 -6.66 -4.78 3.09
CA ILE A 151 -7.28 -6.10 3.04
C ILE A 151 -6.39 -6.97 2.18
N THR A 152 -6.03 -8.15 2.66
CA THR A 152 -5.06 -8.93 1.92
C THR A 152 -5.35 -10.42 2.07
N LYS A 153 -5.10 -11.17 1.01
CA LYS A 153 -5.33 -12.61 0.99
C LYS A 153 -4.17 -13.30 0.28
N HIS A 154 -3.41 -14.10 1.03
CA HIS A 154 -2.32 -14.93 0.52
C HIS A 154 -2.82 -16.37 0.45
N ASN A 155 -2.36 -17.11 -0.56
CA ASN A 155 -2.72 -18.53 -0.62
C ASN A 155 -2.36 -19.23 0.68
N ASP A 156 -3.21 -20.18 1.08
CA ASP A 156 -3.00 -20.97 2.30
C ASP A 156 -2.99 -20.12 3.57
N ASP A 157 -3.53 -18.91 3.53
CA ASP A 157 -3.74 -18.12 4.74
C ASP A 157 -5.12 -17.47 4.66
N GLU A 158 -5.55 -16.90 5.78
CA GLU A 158 -6.84 -16.25 5.88
C GLU A 158 -6.81 -14.91 5.17
N GLN A 159 -8.00 -14.33 4.96
CA GLN A 159 -8.10 -12.96 4.52
C GLN A 159 -8.03 -12.07 5.76
N TYR A 160 -7.11 -11.08 5.75
CA TYR A 160 -6.89 -10.22 6.90
C TYR A 160 -7.19 -8.78 6.56
N ALA A 161 -7.62 -8.03 7.59
CA ALA A 161 -7.71 -6.58 7.53
C ALA A 161 -6.69 -6.00 8.50
N TRP A 162 -5.74 -5.25 7.97
CA TRP A 162 -4.78 -4.43 8.71
C TRP A 162 -5.28 -3.00 8.67
N GLU A 163 -5.09 -2.25 9.76
CA GLU A 163 -5.58 -0.87 9.74
C GLU A 163 -4.76 -0.01 10.69
N SER A 164 -4.52 1.25 10.28
CA SER A 164 -3.86 2.17 11.18
C SER A 164 -4.17 3.63 10.82
N SER A 165 -4.42 4.42 11.87
CA SER A 165 -4.49 5.88 11.76
C SER A 165 -3.24 6.52 12.34
N ALA A 166 -2.13 5.80 12.28
CA ALA A 166 -0.87 6.21 12.89
C ALA A 166 -1.02 6.28 14.40
N GLY A 167 -0.33 7.22 15.04
CA GLY A 167 -0.40 7.28 16.49
C GLY A 167 0.30 6.16 17.20
N GLY A 168 1.08 5.36 16.48
CA GLY A 168 1.91 4.33 17.08
C GLY A 168 1.34 2.93 17.09
N SER A 169 0.11 2.73 16.61
CA SER A 169 -0.48 1.41 16.70
C SER A 169 -1.20 1.06 15.40
N PHE A 170 -1.38 -0.23 15.19
CA PHE A 170 -2.19 -0.75 14.09
C PHE A 170 -2.97 -1.96 14.59
N THR A 171 -4.01 -2.32 13.86
CA THR A 171 -4.82 -3.49 14.21
C THR A 171 -4.77 -4.51 13.10
N VAL A 172 -5.00 -5.77 13.48
CA VAL A 172 -5.16 -6.86 12.54
C VAL A 172 -6.36 -7.69 12.97
N ARG A 173 -7.20 -8.06 12.01
CA ARG A 173 -8.30 -8.96 12.29
C ARG A 173 -8.52 -9.84 11.08
N THR A 174 -9.15 -10.99 11.30
CA THR A 174 -9.63 -11.79 10.17
C THR A 174 -10.81 -11.08 9.53
N ASP A 175 -10.77 -10.93 8.21
CA ASP A 175 -11.75 -10.12 7.49
C ASP A 175 -12.90 -10.99 7.00
N THR A 176 -14.13 -10.61 7.36
CA THR A 176 -15.33 -11.31 6.91
C THR A 176 -16.07 -10.55 5.81
N GLY A 177 -15.42 -9.59 5.17
CA GLY A 177 -16.00 -8.89 4.04
C GLY A 177 -15.95 -9.72 2.77
N GLU A 178 -16.21 -9.05 1.64
CA GLU A 178 -16.21 -9.69 0.34
C GLU A 178 -14.90 -10.44 0.12
N PRO A 179 -14.94 -11.74 -0.15
CA PRO A 179 -13.70 -12.49 -0.39
C PRO A 179 -12.98 -12.00 -1.64
N MET A 180 -11.65 -11.93 -1.56
CA MET A 180 -10.81 -11.38 -2.61
C MET A 180 -10.17 -12.42 -3.51
N GLY A 181 -10.21 -13.69 -3.15
CA GLY A 181 -9.55 -14.70 -3.95
C GLY A 181 -8.08 -14.74 -3.63
N ARG A 182 -7.36 -13.67 -3.98
CA ARG A 182 -5.95 -13.51 -3.69
C ARG A 182 -5.54 -12.08 -4.05
N GLY A 183 -4.70 -11.48 -3.22
CA GLY A 183 -4.14 -10.19 -3.56
C GLY A 183 -4.25 -9.22 -2.41
N THR A 184 -4.18 -7.93 -2.73
CA THR A 184 -4.13 -6.89 -1.72
C THR A 184 -4.97 -5.71 -2.17
N LYS A 185 -5.71 -5.15 -1.21
CA LYS A 185 -6.54 -3.97 -1.43
C LYS A 185 -6.11 -2.93 -0.41
N VAL A 186 -5.60 -1.80 -0.88
CA VAL A 186 -5.20 -0.69 -0.01
C VAL A 186 -6.29 0.37 -0.10
N ILE A 187 -6.95 0.63 1.02
CA ILE A 187 -8.06 1.59 1.08
C ILE A 187 -7.53 2.83 1.77
N LEU A 188 -7.41 3.93 1.02
CA LEU A 188 -6.89 5.18 1.55
C LEU A 188 -8.07 6.05 1.95
N HIS A 189 -8.24 6.28 3.27
CA HIS A 189 -9.26 7.19 3.77
C HIS A 189 -8.64 8.58 3.74
N LEU A 190 -8.99 9.38 2.74
CA LEU A 190 -8.23 10.59 2.47
C LEU A 190 -8.50 11.68 3.51
N LYS A 191 -7.46 12.46 3.78
CA LYS A 191 -7.61 13.71 4.53
C LYS A 191 -8.55 14.65 3.80
N GLU A 192 -9.22 15.52 4.56
CA GLU A 192 -10.29 16.32 3.98
C GLU A 192 -9.76 17.29 2.91
N ASP A 193 -8.50 17.71 3.01
CA ASP A 193 -7.93 18.62 2.00
C ASP A 193 -7.19 17.88 0.90
N GLN A 194 -7.35 16.56 0.81
CA GLN A 194 -6.65 15.76 -0.20
C GLN A 194 -7.63 15.07 -1.15
N THR A 195 -8.83 15.63 -1.33
CA THR A 195 -9.81 14.95 -2.17
C THR A 195 -9.53 15.08 -3.67
N GLU A 196 -8.48 15.80 -4.07
CA GLU A 196 -8.13 15.84 -5.49
C GLU A 196 -7.77 14.45 -6.01
N TYR A 197 -7.31 13.55 -5.14
CA TYR A 197 -6.94 12.20 -5.57
C TYR A 197 -8.15 11.30 -5.76
N LEU A 198 -9.36 11.86 -5.71
CA LEU A 198 -10.57 11.18 -6.13
C LEU A 198 -11.01 11.59 -7.52
N GLU A 199 -10.36 12.58 -8.12
CA GLU A 199 -10.75 13.11 -9.42
C GLU A 199 -10.12 12.30 -10.55
N GLU A 200 -10.95 11.96 -11.56
CA GLU A 200 -10.46 11.17 -12.68
C GLU A 200 -9.25 11.81 -13.34
N ARG A 201 -9.35 13.12 -13.63
CA ARG A 201 -8.28 13.81 -14.35
C ARG A 201 -6.99 13.80 -13.55
N ARG A 202 -7.08 13.92 -12.23
CA ARG A 202 -5.88 13.98 -11.40
C ARG A 202 -5.21 12.62 -11.29
N ILE A 203 -6.00 11.57 -11.09
CA ILE A 203 -5.42 10.23 -10.98
C ILE A 203 -4.74 9.85 -12.29
N LYS A 204 -5.41 10.14 -13.41
CA LYS A 204 -4.85 9.80 -14.71
C LYS A 204 -3.54 10.53 -14.95
N GLU A 205 -3.49 11.82 -14.57
CA GLU A 205 -2.26 12.59 -14.74
C GLU A 205 -1.12 11.96 -13.95
N ILE A 206 -1.40 11.50 -12.72
CA ILE A 206 -0.36 10.96 -11.86
C ILE A 206 0.13 9.62 -12.36
N VAL A 207 -0.79 8.75 -12.80
CA VAL A 207 -0.39 7.44 -13.31
C VAL A 207 0.46 7.62 -14.57
N LYS A 208 0.06 8.52 -15.48
CA LYS A 208 0.82 8.73 -16.70
C LYS A 208 2.22 9.28 -16.40
N LYS A 209 2.33 10.14 -15.38
CA LYS A 209 3.61 10.79 -15.08
C LYS A 209 4.58 9.85 -14.39
N HIS A 210 4.10 8.98 -13.47
CA HIS A 210 4.97 8.21 -12.59
C HIS A 210 4.86 6.70 -12.74
N SER A 211 3.84 6.19 -13.42
CA SER A 211 3.62 4.74 -13.48
C SER A 211 3.39 4.28 -14.91
N GLN A 212 4.08 4.93 -15.86
CA GLN A 212 3.76 4.76 -17.28
C GLN A 212 4.10 3.36 -17.79
N PHE A 213 5.11 2.70 -17.22
CA PHE A 213 5.65 1.47 -17.77
C PHE A 213 5.36 0.24 -16.92
N ILE A 214 4.40 0.33 -16.00
CA ILE A 214 4.01 -0.83 -15.21
C ILE A 214 3.50 -1.93 -16.11
N GLY A 215 3.93 -3.16 -15.84
CA GLY A 215 3.74 -4.26 -16.77
C GLY A 215 2.48 -5.07 -16.55
N TYR A 216 1.43 -4.43 -16.03
CA TYR A 216 0.14 -5.06 -15.80
C TYR A 216 -0.93 -4.03 -16.13
N PRO A 217 -2.10 -4.48 -16.58
CA PRO A 217 -3.16 -3.52 -16.90
C PRO A 217 -3.58 -2.78 -15.64
N ILE A 218 -3.61 -1.45 -15.73
CA ILE A 218 -4.10 -0.57 -14.66
C ILE A 218 -5.41 0.02 -15.15
N THR A 219 -6.51 -0.25 -14.44
CA THR A 219 -7.81 0.26 -14.81
C THR A 219 -8.22 1.32 -13.81
N LEU A 220 -8.44 2.54 -14.30
CA LEU A 220 -8.93 3.63 -13.46
C LEU A 220 -10.46 3.62 -13.54
N PHE A 221 -11.10 3.20 -12.46
CA PHE A 221 -12.56 3.22 -12.40
C PHE A 221 -13.06 4.65 -12.31
N VAL A 222 -14.27 4.87 -12.81
CA VAL A 222 -14.93 6.16 -12.66
C VAL A 222 -16.22 5.95 -11.87
N GLU A 223 -16.92 7.04 -11.55
CA GLU A 223 -18.14 6.94 -10.75
C GLU A 223 -19.39 7.40 -11.50
C10 ONG B . 4.97 -7.20 -2.20
C11 ONG B . 3.70 -6.49 -1.67
C12 ONG B . 5.64 -9.65 -2.22
C17 ONG B . 1.14 -2.64 3.00
C16 ONG B . 2.08 -2.45 1.98
C15 ONG B . 6.42 -6.97 -2.92
C14 ONG B . 7.12 -8.16 -3.11
C13 ONG B . 6.72 -9.35 -2.78
C18 ONG B . 1.54 -3.22 4.38
C19 ONG B . 2.87 -3.53 4.57
C20 ONG B . 3.77 -3.27 3.38
C21 ONG B . 3.36 -2.77 2.23
C22 ONG B . 0.96 -3.74 6.63
C01 ONG B . 1.06 -5.37 -1.34
C02 ONG B . 0.50 -5.00 -2.56
C03 ONG B . 0.23 -3.67 -2.84
C04 ONG B . 0.57 -2.73 -1.87
C05 ONG B . 1.14 -3.10 -0.68
C06 ONG B . 1.40 -4.43 -0.37
C07 ONG B . 1.33 -6.87 -1.10
N01 ONG B . 2.69 -7.27 -1.30
O01 ONG B . 0.52 -7.68 -0.81
C08 ONG B . 3.22 -8.50 -1.20
C09 ONG B . 4.61 -8.69 -1.86
S01 ONG B . 1.49 -1.74 0.47
O02 ONG B . 0.35 -1.38 -2.06
O03 ONG B . 0.50 -3.38 5.34
C23 ONG B . 2.32 -4.40 6.57
O04 ONG B . 3.36 -4.06 5.75
#